data_4X7X
#
_entry.id   4X7X
#
_cell.length_a   50.229
_cell.length_b   91.642
_cell.length_c   128.427
_cell.angle_alpha   90.00
_cell.angle_beta   90.00
_cell.angle_gamma   90.00
#
_symmetry.space_group_name_H-M   'P 21 21 21'
#
loop_
_entity.id
_entity.type
_entity.pdbx_description
1 polymer "Mycinamicin III 3''-O-methyltransferase"
2 non-polymer S-ADENOSYL-L-HOMOCYSTEINE
3 non-polymer 'MAGNESIUM ION'
4 non-polymer 2-[(4R,5S,6S,7R,9R,11E,13E,15R,16R)-6-[(2R,3R,4R,5S,6R)-4-(dimethylamino)-5-[(2S,4R,5S,6S)-4,6-dimethyl-4,5-bis(oxidanyl)oxan-2-yl]oxy-6-methyl-3-oxidanyl-oxan-2-yl]oxy-16-ethyl-15-[[(2R,3R,4R,5S,6R)-3-methoxy-6-methyl-4,5-bis(oxidanyl)oxan-2-yl]oxymethyl]-5,9,13-trimethyl-4-oxidanyl-2,10-bis(oxidanylidene)-1-oxacyclohexadeca-11,13-dien-7-yl]ethanal
5 water water
#
_entity_poly.entity_id   1
_entity_poly.type   'polypeptide(L)'
_entity_poly.pdbx_seq_one_letter_code
;MGSSHHHHHHSSGLVPRGSHMSPSTGVELYLDLLKRTVSNFIYQDATHVAGLITQAAFVEEARESGEDYPTVAHTMIGMK
RLNNLQHCVESALRDGVPGDVLETGVWRGGACIFARGILKAYDVRDRTVWVADSFQGFPKITDDDHPMDAEMNLHQYNAA
VDLPTSLATVQRNFSRYGLLDDQVRFLPGWFKDTMPTAPFERLAVLRMDGDSYGATMDVLTHAYPRLSPGGFAIIDDYCI
PACREAVHEYRDRHGISDEIVEIDRQGVYWRRSA
;
_entity_poly.pdbx_strand_id   A,B
#
# COMPACT_ATOMS: atom_id res chain seq x y z
N SER A 24 16.84 -2.68 -7.58
CA SER A 24 15.89 -3.27 -6.58
C SER A 24 15.33 -4.60 -7.06
N THR A 25 15.52 -5.65 -6.28
CA THR A 25 14.98 -6.98 -6.59
C THR A 25 13.51 -6.99 -6.23
N GLY A 26 12.79 -8.03 -6.64
CA GLY A 26 11.38 -8.20 -6.26
C GLY A 26 11.17 -8.15 -4.75
N VAL A 27 11.99 -8.90 -4.00
CA VAL A 27 11.91 -8.89 -2.54
C VAL A 27 12.08 -7.49 -1.94
N GLU A 28 13.10 -6.76 -2.40
CA GLU A 28 13.38 -5.42 -1.88
C GLU A 28 12.23 -4.46 -2.18
N LEU A 29 11.70 -4.53 -3.39
CA LEU A 29 10.54 -3.71 -3.78
C LEU A 29 9.32 -4.00 -2.93
N TYR A 30 9.02 -5.28 -2.73
CA TYR A 30 7.87 -5.70 -1.93
C TYR A 30 7.97 -5.16 -0.51
N LEU A 31 9.10 -5.39 0.12
CA LEU A 31 9.24 -4.99 1.53
C LEU A 31 9.30 -3.45 1.66
N ASP A 32 9.91 -2.78 0.69
CA ASP A 32 9.85 -1.32 0.69
C ASP A 32 8.41 -0.82 0.59
N LEU A 33 7.64 -1.39 -0.33
CA LEU A 33 6.24 -0.99 -0.50
C LEU A 33 5.42 -1.36 0.73
N LEU A 34 5.69 -2.52 1.32
CA LEU A 34 4.95 -2.96 2.49
C LEU A 34 5.14 -1.98 3.68
N LYS A 35 6.36 -1.48 3.86
CA LYS A 35 6.61 -0.45 4.87
C LYS A 35 5.86 0.84 4.61
N ARG A 36 5.88 1.30 3.36
CA ARG A 36 5.17 2.50 2.99
C ARG A 36 3.67 2.35 3.15
N THR A 37 3.17 1.12 3.00
CA THR A 37 1.75 0.87 3.07
C THR A 37 1.25 0.75 4.52
N VAL A 38 1.91 -0.05 5.35
CA VAL A 38 1.47 -0.17 6.75
C VAL A 38 1.57 1.14 7.52
N SER A 39 2.52 2.00 7.15
CA SER A 39 2.66 3.28 7.80
C SER A 39 1.88 4.38 7.05
N ASN A 40 1.25 3.99 5.95
CA ASN A 40 0.46 4.83 5.08
C ASN A 40 1.14 6.12 4.62
N PHE A 41 2.41 6.02 4.22
CA PHE A 41 3.05 7.06 3.40
C PHE A 41 2.35 7.20 2.05
N ILE A 42 1.60 6.20 1.62
CA ILE A 42 0.94 6.24 0.32
C ILE A 42 -0.19 7.29 0.27
N TYR A 43 -1.08 7.23 1.26
CA TYR A 43 -2.26 8.09 1.30
C TYR A 43 -2.23 9.17 2.39
N GLN A 44 -1.30 9.06 3.34
CA GLN A 44 -0.95 10.18 4.25
C GLN A 44 -2.14 10.67 5.07
N ASP A 45 -2.66 9.75 5.88
CA ASP A 45 -3.76 10.06 6.76
C ASP A 45 -3.35 11.03 7.87
N ALA A 46 -4.34 11.82 8.30
CA ALA A 46 -4.21 12.71 9.43
C ALA A 46 -3.81 11.98 10.72
N THR A 47 -3.21 12.73 11.63
CA THR A 47 -2.96 12.24 13.00
C THR A 47 -4.05 12.68 13.96
N HIS A 48 -4.28 11.87 14.99
CA HIS A 48 -5.03 12.34 16.15
C HIS A 48 -4.26 13.49 16.79
N VAL A 49 -4.99 14.44 17.36
CA VAL A 49 -4.40 15.53 18.11
C VAL A 49 -4.35 15.14 19.59
N ALA A 50 -3.15 14.79 20.07
CA ALA A 50 -2.95 14.26 21.41
C ALA A 50 -1.50 14.46 21.80
N GLY A 51 -1.20 14.41 23.10
CA GLY A 51 0.17 14.55 23.58
C GLY A 51 0.76 15.86 23.08
N LEU A 52 1.94 15.81 22.48
CA LEU A 52 2.60 17.03 21.98
C LEU A 52 2.15 17.44 20.57
N ILE A 53 1.31 16.62 19.93
CA ILE A 53 0.80 16.91 18.56
C ILE A 53 -0.41 17.85 18.62
N THR A 54 -0.25 19.06 18.08
CA THR A 54 -1.25 20.11 18.24
C THR A 54 -2.14 20.30 17.00
N GLN A 55 -1.79 19.63 15.90
CA GLN A 55 -2.51 19.78 14.62
C GLN A 55 -2.73 18.41 13.99
N ALA A 56 -3.83 18.25 13.26
CA ALA A 56 -4.16 16.96 12.63
C ALA A 56 -3.37 16.65 11.35
N ALA A 57 -2.78 17.65 10.71
CA ALA A 57 -2.19 17.43 9.39
C ALA A 57 -1.10 16.36 9.39
N PHE A 58 -1.07 15.56 8.32
CA PHE A 58 0.06 14.65 8.10
C PHE A 58 1.35 15.45 7.98
N VAL A 59 2.36 15.05 8.74
CA VAL A 59 3.71 15.66 8.65
C VAL A 59 4.70 14.53 8.34
N GLU A 60 5.42 14.67 7.22
CA GLU A 60 6.31 13.61 6.76
C GLU A 60 7.32 13.20 7.81
N GLU A 61 7.97 14.19 8.40
CA GLU A 61 9.02 13.91 9.37
C GLU A 61 8.48 13.17 10.59
N ALA A 62 7.24 13.47 10.97
CA ALA A 62 6.63 12.79 12.13
C ALA A 62 6.32 11.32 11.82
N ARG A 63 5.79 11.05 10.62
CA ARG A 63 5.50 9.66 10.24
C ARG A 63 6.79 8.87 9.98
N GLU A 64 7.81 9.55 9.49
CA GLU A 64 9.10 8.93 9.22
C GLU A 64 9.71 8.38 10.51
N SER A 65 9.53 9.10 11.62
CA SER A 65 10.14 8.72 12.91
C SER A 65 9.12 8.13 13.89
N GLY A 66 7.89 7.88 13.43
CA GLY A 66 6.85 7.24 14.26
C GLY A 66 6.42 8.08 15.44
N GLU A 67 6.29 9.38 15.26
CA GLU A 67 5.97 10.28 16.36
C GLU A 67 4.54 10.76 16.41
N ASP A 68 3.72 10.35 15.46
CA ASP A 68 2.31 10.76 15.46
C ASP A 68 1.40 9.55 15.76
N TYR A 69 0.11 9.81 15.68
CA TYR A 69 -0.92 8.88 16.12
C TYR A 69 -1.91 8.71 14.98
N PRO A 70 -1.57 7.86 14.01
CA PRO A 70 -2.34 7.84 12.77
C PRO A 70 -3.82 7.53 12.95
N THR A 71 -4.66 8.25 12.22
CA THR A 71 -6.08 7.99 12.25
C THR A 71 -6.47 6.71 11.51
N VAL A 72 -5.70 6.33 10.50
CA VAL A 72 -6.04 5.19 9.64
C VAL A 72 -4.90 4.16 9.51
N ALA A 73 -3.65 4.60 9.51
CA ALA A 73 -2.53 3.68 9.26
C ALA A 73 -2.49 2.48 10.20
N HIS A 74 -1.97 1.35 9.72
CA HIS A 74 -1.96 0.12 10.50
C HIS A 74 -0.85 0.02 11.55
N THR A 75 0.16 0.88 11.47
CA THR A 75 1.18 0.96 12.51
C THR A 75 1.51 2.40 12.84
N MET A 76 1.87 2.64 14.09
CA MET A 76 2.34 3.98 14.50
C MET A 76 3.84 4.03 14.73
N ILE A 77 4.56 2.93 14.44
CA ILE A 77 6.02 2.91 14.76
C ILE A 77 6.91 3.70 13.81
N GLY A 78 6.41 4.03 12.64
CA GLY A 78 7.16 4.84 11.70
C GLY A 78 8.22 4.11 10.89
N MET A 79 8.76 4.81 9.91
N MET A 79 8.76 4.80 9.90
CA MET A 79 9.67 4.20 8.94
CA MET A 79 9.67 4.20 8.94
C MET A 79 11.00 3.75 9.56
C MET A 79 11.01 3.75 9.55
N LYS A 80 11.57 4.53 10.48
CA LYS A 80 12.88 4.15 11.08
C LYS A 80 12.74 2.87 11.90
N ARG A 81 11.67 2.78 12.68
CA ARG A 81 11.45 1.56 13.44
C ARG A 81 10.99 0.37 12.56
N LEU A 82 10.29 0.61 11.47
CA LEU A 82 10.03 -0.47 10.49
C LEU A 82 11.34 -0.96 9.87
N ASN A 83 12.24 -0.02 9.55
CA ASN A 83 13.53 -0.39 8.97
C ASN A 83 14.31 -1.24 9.95
N ASN A 84 14.28 -0.84 11.24
CA ASN A 84 14.92 -1.62 12.29
C ASN A 84 14.39 -3.05 12.40
N LEU A 85 13.06 -3.19 12.40
CA LEU A 85 12.44 -4.52 12.43
C LEU A 85 12.89 -5.37 11.24
N GLN A 86 12.96 -4.77 10.06
CA GLN A 86 13.48 -5.47 8.88
C GLN A 86 14.91 -5.92 9.09
N HIS A 87 15.75 -5.02 9.58
CA HIS A 87 17.15 -5.36 9.86
C HIS A 87 17.25 -6.54 10.82
N CYS A 88 16.49 -6.48 11.92
CA CYS A 88 16.51 -7.56 12.91
C CYS A 88 16.05 -8.91 12.35
N VAL A 89 14.93 -8.93 11.63
CA VAL A 89 14.42 -10.18 11.08
C VAL A 89 15.36 -10.72 9.99
N GLU A 90 15.79 -9.86 9.08
CA GLU A 90 16.71 -10.30 8.03
C GLU A 90 18.04 -10.80 8.57
N SER A 91 18.57 -10.14 9.61
CA SER A 91 19.84 -10.57 10.21
C SER A 91 19.69 -11.92 10.85
N ALA A 92 18.58 -12.13 11.55
CA ALA A 92 18.34 -13.43 12.15
C ALA A 92 18.25 -14.54 11.10
N LEU A 93 17.53 -14.28 10.01
CA LEU A 93 17.38 -15.25 8.93
C LEU A 93 18.74 -15.53 8.30
N ARG A 94 19.50 -14.47 8.03
CA ARG A 94 20.79 -14.61 7.36
C ARG A 94 21.80 -15.35 8.21
N ASP A 95 21.80 -15.09 9.52
CA ASP A 95 22.76 -15.70 10.43
C ASP A 95 22.31 -17.05 10.97
N GLY A 96 21.11 -17.49 10.62
CA GLY A 96 20.57 -18.77 11.11
C GLY A 96 20.23 -18.79 12.61
N VAL A 97 19.80 -17.65 13.14
CA VAL A 97 19.35 -17.57 14.52
C VAL A 97 18.00 -18.24 14.59
N PRO A 98 17.86 -19.29 15.42
CA PRO A 98 16.58 -19.98 15.42
C PRO A 98 15.49 -19.24 16.19
N GLY A 99 14.25 -19.45 15.76
CA GLY A 99 13.09 -18.96 16.53
C GLY A 99 12.05 -18.13 15.78
N ASP A 100 11.00 -17.83 16.50
CA ASP A 100 9.86 -17.10 15.97
C ASP A 100 10.03 -15.59 16.17
N VAL A 101 9.04 -14.83 15.71
CA VAL A 101 8.99 -13.39 15.94
C VAL A 101 7.79 -13.13 16.86
N LEU A 102 8.01 -12.41 17.97
CA LEU A 102 6.93 -12.00 18.87
C LEU A 102 6.90 -10.50 18.99
N GLU A 103 5.72 -9.89 18.80
CA GLU A 103 5.49 -8.49 19.13
C GLU A 103 4.50 -8.42 20.26
N THR A 104 4.87 -7.70 21.32
CA THR A 104 4.00 -7.52 22.45
C THR A 104 3.49 -6.07 22.44
N GLY A 105 2.23 -5.93 22.03
CA GLY A 105 1.64 -4.62 21.87
C GLY A 105 1.62 -4.35 20.37
N VAL A 106 0.48 -4.60 19.74
CA VAL A 106 0.41 -4.60 18.28
C VAL A 106 -0.54 -3.58 17.66
N TRP A 107 -1.43 -3.00 18.45
CA TRP A 107 -2.42 -2.02 17.94
C TRP A 107 -3.19 -2.59 16.76
N ARG A 108 -3.16 -1.94 15.60
CA ARG A 108 -3.89 -2.40 14.42
C ARG A 108 -3.18 -3.51 13.64
N GLY A 109 -1.96 -3.83 14.06
CA GLY A 109 -1.23 -4.98 13.55
C GLY A 109 -0.16 -4.76 12.51
N GLY A 110 0.04 -3.50 12.13
CA GLY A 110 0.93 -3.14 11.00
C GLY A 110 2.36 -3.68 11.12
N ALA A 111 2.99 -3.56 12.29
CA ALA A 111 4.35 -4.05 12.45
C ALA A 111 4.42 -5.58 12.34
N CYS A 112 3.40 -6.28 12.87
CA CYS A 112 3.31 -7.75 12.74
C CYS A 112 3.00 -8.20 11.31
N ILE A 113 2.17 -7.43 10.63
CA ILE A 113 1.90 -7.65 9.22
C ILE A 113 3.21 -7.54 8.44
N PHE A 114 3.99 -6.52 8.72
CA PHE A 114 5.27 -6.36 8.08
C PHE A 114 6.19 -7.55 8.37
N ALA A 115 6.26 -7.98 9.63
CA ALA A 115 7.09 -9.13 10.01
C ALA A 115 6.73 -10.38 9.22
N ARG A 116 5.41 -10.66 9.14
CA ARG A 116 4.93 -11.78 8.35
C ARG A 116 5.30 -11.61 6.87
N GLY A 117 5.17 -10.40 6.32
CA GLY A 117 5.64 -10.12 4.96
C GLY A 117 7.12 -10.40 4.70
N ILE A 118 7.98 -10.11 5.67
CA ILE A 118 9.39 -10.45 5.53
C ILE A 118 9.56 -11.95 5.38
N LEU A 119 8.93 -12.75 6.25
CA LEU A 119 9.06 -14.19 6.16
C LEU A 119 8.52 -14.69 4.84
N LYS A 120 7.42 -14.09 4.39
CA LYS A 120 6.81 -14.46 3.11
C LYS A 120 7.72 -14.17 1.92
N ALA A 121 8.36 -13.01 1.92
CA ALA A 121 9.26 -12.59 0.85
C ALA A 121 10.39 -13.59 0.64
N TYR A 122 10.90 -14.15 1.75
CA TYR A 122 12.01 -15.10 1.71
C TYR A 122 11.53 -16.55 1.72
N ASP A 123 10.23 -16.75 1.52
CA ASP A 123 9.60 -18.07 1.50
C ASP A 123 9.98 -18.91 2.72
N VAL A 124 10.00 -18.28 3.89
CA VAL A 124 10.27 -18.99 5.14
C VAL A 124 8.98 -19.64 5.61
N ARG A 125 9.02 -20.96 5.76
CA ARG A 125 7.83 -21.72 6.12
C ARG A 125 7.86 -22.30 7.53
N ASP A 126 8.98 -22.14 8.24
CA ASP A 126 9.18 -22.79 9.55
C ASP A 126 9.34 -21.82 10.73
N ARG A 127 8.91 -20.58 10.54
CA ARG A 127 8.84 -19.62 11.64
C ARG A 127 7.46 -18.96 11.69
N THR A 128 7.08 -18.55 12.90
CA THR A 128 5.77 -17.98 13.19
C THR A 128 5.90 -16.55 13.70
N VAL A 129 4.93 -15.70 13.33
CA VAL A 129 4.78 -14.39 13.93
C VAL A 129 3.69 -14.50 14.99
N TRP A 130 4.09 -14.30 16.25
CA TRP A 130 3.16 -14.20 17.39
C TRP A 130 2.73 -12.75 17.66
N VAL A 131 1.42 -12.58 17.75
CA VAL A 131 0.75 -11.29 17.83
C VAL A 131 0.06 -11.21 19.21
N ALA A 132 0.70 -10.55 20.16
CA ALA A 132 0.25 -10.52 21.54
C ALA A 132 -0.29 -9.16 21.92
N ASP A 133 -1.51 -9.14 22.44
CA ASP A 133 -2.15 -7.90 22.87
C ASP A 133 -3.33 -8.21 23.76
N SER A 134 -3.75 -7.24 24.57
CA SER A 134 -5.05 -7.32 25.21
C SER A 134 -6.20 -7.25 24.21
N PHE A 135 -5.93 -6.61 23.07
CA PHE A 135 -6.94 -6.25 22.09
C PHE A 135 -8.04 -5.36 22.69
N GLN A 136 -7.69 -4.65 23.76
CA GLN A 136 -8.57 -3.75 24.51
C GLN A 136 -7.88 -2.43 24.93
N GLY A 137 -6.68 -2.18 24.46
CA GLY A 137 -5.92 -0.99 24.87
C GLY A 137 -5.21 -1.18 26.20
N PHE A 138 -4.71 -0.09 26.77
CA PHE A 138 -4.02 -0.12 28.04
C PHE A 138 -4.98 -0.54 29.17
N PRO A 139 -4.46 -1.25 30.19
CA PRO A 139 -5.29 -1.69 31.30
C PRO A 139 -5.54 -0.56 32.27
N LYS A 140 -6.68 -0.62 32.95
CA LYS A 140 -6.97 0.28 34.06
C LYS A 140 -5.90 0.12 35.14
N ILE A 141 -5.47 1.21 35.76
CA ILE A 141 -4.49 1.15 36.83
C ILE A 141 -5.11 0.50 38.08
N THR A 142 -4.30 -0.33 38.77
CA THR A 142 -4.69 -0.95 40.04
C THR A 142 -3.64 -0.65 41.11
N ASP A 143 -3.90 -1.11 42.33
CA ASP A 143 -2.98 -0.89 43.46
C ASP A 143 -1.64 -1.60 43.32
N ASP A 144 -1.59 -2.66 42.53
CA ASP A 144 -0.36 -3.43 42.32
C ASP A 144 0.60 -2.73 41.35
N ASP A 145 0.10 -1.72 40.63
CA ASP A 145 0.91 -1.09 39.59
C ASP A 145 2.08 -0.31 40.15
N HIS A 146 3.17 -0.32 39.40
CA HIS A 146 4.33 0.49 39.69
C HIS A 146 3.93 1.98 39.80
N PRO A 147 4.51 2.72 40.76
CA PRO A 147 4.14 4.14 40.93
C PRO A 147 4.26 4.97 39.65
N MET A 148 5.32 4.75 38.87
CA MET A 148 5.49 5.43 37.57
C MET A 148 4.37 5.14 36.57
N ASP A 149 3.86 3.91 36.58
CA ASP A 149 2.73 3.54 35.73
C ASP A 149 1.45 4.22 36.20
N ALA A 150 1.26 4.26 37.51
CA ALA A 150 0.09 4.91 38.09
C ALA A 150 0.05 6.39 37.75
N GLU A 151 1.20 7.05 37.84
CA GLU A 151 1.32 8.46 37.54
C GLU A 151 0.97 8.74 36.06
N MET A 152 1.49 7.94 35.13
CA MET A 152 1.20 8.12 33.68
C MET A 152 -0.24 7.84 33.35
N ASN A 153 -0.80 6.82 34.00
CA ASN A 153 -2.14 6.34 33.69
C ASN A 153 -2.42 6.31 32.19
N LEU A 154 -1.70 5.43 31.48
CA LEU A 154 -1.82 5.34 30.01
C LEU A 154 -3.24 5.01 29.55
N HIS A 155 -3.98 4.29 30.38
CA HIS A 155 -5.39 3.98 30.14
C HIS A 155 -6.22 5.21 29.75
N GLN A 156 -5.86 6.39 30.27
CA GLN A 156 -6.61 7.62 29.97
C GLN A 156 -6.60 7.96 28.48
N TYR A 157 -5.64 7.44 27.74
CA TYR A 157 -5.47 7.82 26.33
C TYR A 157 -6.13 6.86 25.33
N ASN A 158 -6.67 5.74 25.81
CA ASN A 158 -7.13 4.68 24.91
C ASN A 158 -7.99 5.20 23.74
N ALA A 159 -9.11 5.87 24.05
CA ALA A 159 -10.02 6.29 22.97
C ALA A 159 -9.44 7.42 22.15
N ALA A 160 -8.71 8.32 22.80
CA ALA A 160 -8.19 9.50 22.13
C ALA A 160 -7.31 9.19 20.93
N VAL A 161 -6.56 8.10 21.00
CA VAL A 161 -5.72 7.66 19.87
C VAL A 161 -6.20 6.34 19.25
N ASP A 162 -7.44 5.97 19.53
CA ASP A 162 -8.09 4.78 18.97
C ASP A 162 -7.28 3.51 19.22
N LEU A 163 -6.80 3.32 20.45
CA LEU A 163 -5.91 2.21 20.73
C LEU A 163 -6.61 0.85 20.79
N PRO A 164 -7.77 0.77 21.50
CA PRO A 164 -8.38 -0.56 21.61
C PRO A 164 -8.79 -1.07 20.23
N THR A 165 -8.18 -2.16 19.83
CA THR A 165 -8.40 -2.76 18.52
C THR A 165 -8.61 -4.26 18.71
N SER A 166 -9.76 -4.75 18.27
CA SER A 166 -10.15 -6.12 18.55
C SER A 166 -9.31 -7.12 17.77
N LEU A 167 -9.28 -8.35 18.27
CA LEU A 167 -8.63 -9.44 17.55
C LEU A 167 -9.21 -9.60 16.13
N ALA A 168 -10.53 -9.50 16.00
CA ALA A 168 -11.16 -9.66 14.69
C ALA A 168 -10.72 -8.55 13.73
N THR A 169 -10.55 -7.34 14.26
CA THR A 169 -10.07 -6.22 13.41
C THR A 169 -8.65 -6.43 12.95
N VAL A 170 -7.82 -6.92 13.85
CA VAL A 170 -6.44 -7.21 13.50
C VAL A 170 -6.35 -8.32 12.48
N GLN A 171 -7.13 -9.37 12.65
CA GLN A 171 -7.16 -10.46 11.69
C GLN A 171 -7.61 -9.93 10.32
N ARG A 172 -8.66 -9.12 10.30
CA ARG A 172 -9.16 -8.49 9.08
C ARG A 172 -8.04 -7.71 8.37
N ASN A 173 -7.28 -6.94 9.14
CA ASN A 173 -6.18 -6.19 8.57
C ASN A 173 -5.11 -7.09 7.90
N PHE A 174 -4.69 -8.16 8.57
CA PHE A 174 -3.76 -9.11 7.97
C PHE A 174 -4.33 -9.62 6.63
N SER A 175 -5.61 -9.95 6.60
CA SER A 175 -6.24 -10.48 5.38
C SER A 175 -6.19 -9.51 4.19
N ARG A 176 -6.29 -8.21 4.46
CA ARG A 176 -6.24 -7.22 3.41
C ARG A 176 -4.90 -7.21 2.66
N TYR A 177 -3.83 -7.69 3.32
CA TYR A 177 -2.52 -7.80 2.69
C TYR A 177 -2.26 -9.18 2.11
N GLY A 178 -3.19 -10.10 2.28
CA GLY A 178 -3.00 -11.48 1.87
C GLY A 178 -2.05 -12.22 2.81
N LEU A 179 -1.97 -11.78 4.05
CA LEU A 179 -0.97 -12.35 4.96
C LEU A 179 -1.55 -13.01 6.19
N LEU A 180 -2.86 -13.25 6.21
CA LEU A 180 -3.44 -14.05 7.29
C LEU A 180 -3.36 -15.54 6.93
N ASP A 181 -2.50 -16.29 7.64
CA ASP A 181 -2.37 -17.74 7.43
C ASP A 181 -1.85 -18.40 8.71
N ASP A 182 -1.56 -19.69 8.70
CA ASP A 182 -1.25 -20.36 9.96
C ASP A 182 0.16 -20.06 10.51
N GLN A 183 0.95 -19.27 9.80
CA GLN A 183 2.21 -18.76 10.37
C GLN A 183 2.01 -17.43 11.12
N VAL A 184 0.74 -17.04 11.32
CA VAL A 184 0.40 -15.95 12.22
C VAL A 184 -0.45 -16.53 13.34
N ARG A 185 0.00 -16.35 14.57
CA ARG A 185 -0.70 -16.87 15.73
C ARG A 185 -0.89 -15.76 16.76
N PHE A 186 -2.05 -15.79 17.41
CA PHE A 186 -2.49 -14.69 18.25
C PHE A 186 -2.49 -15.09 19.70
N LEU A 187 -2.11 -14.16 20.56
CA LEU A 187 -2.07 -14.37 22.01
C LEU A 187 -2.89 -13.28 22.72
N PRO A 188 -4.20 -13.46 22.76
CA PRO A 188 -5.05 -12.41 23.33
C PRO A 188 -5.08 -12.44 24.85
N GLY A 189 -4.81 -11.30 25.47
CA GLY A 189 -4.90 -11.20 26.92
C GLY A 189 -3.85 -10.25 27.44
N TRP A 190 -3.88 -10.02 28.74
CA TRP A 190 -2.86 -9.20 29.41
C TRP A 190 -1.57 -9.99 29.44
N PHE A 191 -0.43 -9.32 29.23
CA PHE A 191 0.86 -10.01 29.16
C PHE A 191 1.18 -10.84 30.42
N LYS A 192 0.74 -10.38 31.57
CA LYS A 192 1.07 -11.11 32.78
C LYS A 192 0.40 -12.49 32.76
N ASP A 193 -0.71 -12.57 32.04
CA ASP A 193 -1.46 -13.82 31.86
C ASP A 193 -1.01 -14.67 30.65
N THR A 194 -0.65 -14.05 29.55
CA THR A 194 -0.40 -14.81 28.31
C THR A 194 1.04 -15.25 28.15
N MET A 195 1.99 -14.47 28.68
CA MET A 195 3.40 -14.74 28.38
C MET A 195 3.98 -15.98 29.04
N PRO A 196 3.68 -16.22 30.34
CA PRO A 196 4.38 -17.36 30.97
C PRO A 196 4.18 -18.70 30.27
N THR A 197 2.96 -18.95 29.78
CA THR A 197 2.65 -20.21 29.11
C THR A 197 2.44 -20.10 27.59
N ALA A 198 2.85 -18.99 26.98
CA ALA A 198 2.71 -18.87 25.54
C ALA A 198 3.43 -20.04 24.86
N PRO A 199 2.80 -20.64 23.84
CA PRO A 199 3.35 -21.88 23.31
C PRO A 199 4.40 -21.73 22.23
N PHE A 200 5.37 -20.82 22.38
CA PHE A 200 6.56 -20.84 21.54
C PHE A 200 7.72 -21.35 22.36
N GLU A 201 8.68 -21.98 21.70
CA GLU A 201 9.85 -22.49 22.39
C GLU A 201 11.05 -21.57 22.28
N ARG A 202 11.18 -20.87 21.17
CA ARG A 202 12.33 -19.99 20.95
C ARG A 202 11.93 -18.79 20.12
N LEU A 203 12.59 -17.67 20.38
CA LEU A 203 12.38 -16.43 19.62
C LEU A 203 13.68 -15.97 19.01
N ALA A 204 13.58 -15.48 17.78
CA ALA A 204 14.69 -14.80 17.09
C ALA A 204 14.61 -13.27 17.23
N VAL A 205 13.39 -12.77 17.33
CA VAL A 205 13.15 -11.34 17.50
C VAL A 205 12.02 -11.19 18.51
N LEU A 206 12.28 -10.39 19.54
CA LEU A 206 11.31 -10.04 20.57
C LEU A 206 11.12 -8.54 20.51
N ARG A 207 9.95 -8.11 20.02
CA ARG A 207 9.65 -6.69 19.87
C ARG A 207 8.65 -6.25 20.93
N MET A 208 9.09 -5.40 21.85
CA MET A 208 8.29 -4.97 22.99
C MET A 208 7.76 -3.58 22.76
N ASP A 209 6.44 -3.44 22.78
CA ASP A 209 5.79 -2.15 22.49
C ASP A 209 4.55 -1.94 23.38
N GLY A 210 4.73 -2.14 24.69
CA GLY A 210 3.63 -1.95 25.66
C GLY A 210 3.74 -0.74 26.58
N ASP A 211 4.82 0.04 26.47
CA ASP A 211 4.95 1.40 27.03
C ASP A 211 5.23 1.51 28.54
N SER A 212 4.63 0.65 29.34
CA SER A 212 4.68 0.78 30.79
C SER A 212 5.78 -0.07 31.41
N TYR A 213 6.10 0.24 32.65
CA TYR A 213 7.00 -0.58 33.43
C TYR A 213 6.44 -1.98 33.52
N GLY A 214 5.14 -2.07 33.83
CA GLY A 214 4.47 -3.36 33.98
C GLY A 214 4.54 -4.26 32.75
N ALA A 215 4.09 -3.74 31.61
CA ALA A 215 4.12 -4.49 30.35
C ALA A 215 5.53 -4.91 29.93
N THR A 216 6.50 -4.02 30.15
CA THR A 216 7.87 -4.30 29.77
C THR A 216 8.46 -5.38 30.70
N MET A 217 8.25 -5.25 32.00
CA MET A 217 8.75 -6.22 32.96
C MET A 217 8.05 -7.57 32.78
N ASP A 218 6.75 -7.56 32.46
CA ASP A 218 6.03 -8.82 32.17
C ASP A 218 6.70 -9.60 31.04
N VAL A 219 7.00 -8.90 29.96
CA VAL A 219 7.51 -9.55 28.78
C VAL A 219 8.97 -9.92 28.89
N LEU A 220 9.79 -9.02 29.44
CA LEU A 220 11.18 -9.39 29.71
C LEU A 220 11.21 -10.61 30.63
N THR A 221 10.45 -10.58 31.72
CA THR A 221 10.49 -11.70 32.67
C THR A 221 10.11 -13.04 32.01
N HIS A 222 9.01 -13.02 31.26
CA HIS A 222 8.42 -14.26 30.80
C HIS A 222 8.74 -14.68 29.37
N ALA A 223 9.18 -13.74 28.52
CA ALA A 223 9.52 -14.08 27.14
C ALA A 223 11.01 -14.01 26.81
N TYR A 224 11.73 -13.08 27.41
CA TYR A 224 13.14 -12.86 27.04
C TYR A 224 14.03 -14.09 27.23
N PRO A 225 13.78 -14.92 28.27
CA PRO A 225 14.62 -16.14 28.38
C PRO A 225 14.53 -17.10 27.18
N ARG A 226 13.46 -17.02 26.39
CA ARG A 226 13.35 -17.80 25.18
C ARG A 226 13.99 -17.16 23.92
N LEU A 227 14.56 -15.97 24.05
CA LEU A 227 15.23 -15.31 22.91
C LEU A 227 16.57 -16.00 22.69
N SER A 228 16.79 -16.49 21.48
CA SER A 228 18.01 -17.22 21.13
C SER A 228 19.24 -16.34 21.22
N PRO A 229 20.41 -16.94 21.45
CA PRO A 229 21.62 -16.14 21.33
C PRO A 229 21.75 -15.65 19.89
N GLY A 230 22.15 -14.39 19.72
CA GLY A 230 22.16 -13.78 18.40
C GLY A 230 20.83 -13.18 18.01
N GLY A 231 19.80 -13.37 18.83
CA GLY A 231 18.49 -12.75 18.63
C GLY A 231 18.44 -11.29 19.06
N PHE A 232 17.34 -10.62 18.73
CA PHE A 232 17.20 -9.18 18.91
C PHE A 232 16.08 -8.86 19.86
N ALA A 233 16.35 -7.96 20.80
CA ALA A 233 15.35 -7.46 21.73
C ALA A 233 15.16 -5.99 21.42
N ILE A 234 13.94 -5.63 21.00
CA ILE A 234 13.62 -4.28 20.57
C ILE A 234 12.72 -3.67 21.65
N ILE A 235 13.12 -2.52 22.18
CA ILE A 235 12.32 -1.76 23.13
C ILE A 235 11.77 -0.48 22.44
N ASP A 236 10.51 -0.55 22.02
CA ASP A 236 9.93 0.55 21.28
C ASP A 236 9.88 1.88 22.08
N ASP A 237 9.60 1.77 23.37
CA ASP A 237 9.19 2.89 24.21
C ASP A 237 10.25 3.30 25.20
N TYR A 238 11.52 3.11 24.82
CA TYR A 238 12.61 3.35 25.76
C TYR A 238 12.69 4.82 26.22
N CYS A 239 12.14 5.73 25.42
CA CYS A 239 12.04 7.13 25.81
C CYS A 239 11.09 7.39 26.99
N ILE A 240 10.22 6.43 27.33
CA ILE A 240 9.33 6.58 28.48
C ILE A 240 10.06 6.13 29.75
N PRO A 241 10.13 6.99 30.76
CA PRO A 241 10.93 6.64 31.95
C PRO A 241 10.52 5.32 32.62
N ALA A 242 9.23 5.02 32.68
CA ALA A 242 8.78 3.79 33.32
C ALA A 242 9.27 2.54 32.58
N CYS A 243 9.19 2.57 31.25
CA CYS A 243 9.73 1.52 30.42
C CYS A 243 11.24 1.35 30.60
N ARG A 244 11.97 2.48 30.51
CA ARG A 244 13.41 2.48 30.72
C ARG A 244 13.79 1.90 32.10
N GLU A 245 13.01 2.24 33.12
CA GLU A 245 13.27 1.71 34.46
C GLU A 245 13.17 0.18 34.48
N ALA A 246 12.14 -0.38 33.82
CA ALA A 246 11.99 -1.84 33.73
C ALA A 246 13.17 -2.46 33.01
N VAL A 247 13.59 -1.84 31.91
CA VAL A 247 14.69 -2.36 31.13
C VAL A 247 15.97 -2.46 31.99
N HIS A 248 16.31 -1.40 32.71
CA HIS A 248 17.56 -1.41 33.48
C HIS A 248 17.48 -2.32 34.68
N GLU A 249 16.32 -2.39 35.32
CA GLU A 249 16.16 -3.31 36.44
C GLU A 249 16.35 -4.76 35.98
N TYR A 250 15.74 -5.11 34.85
CA TYR A 250 15.87 -6.44 34.28
C TYR A 250 17.31 -6.77 33.88
N ARG A 251 17.94 -5.86 33.13
CA ARG A 251 19.32 -6.09 32.70
C ARG A 251 20.28 -6.22 33.90
N ASP A 252 20.12 -5.39 34.92
CA ASP A 252 20.97 -5.47 36.11
C ASP A 252 20.78 -6.81 36.81
N ARG A 253 19.53 -7.24 36.94
CA ARG A 253 19.21 -8.48 37.63
C ARG A 253 19.86 -9.69 36.94
N HIS A 254 19.87 -9.69 35.61
CA HIS A 254 20.38 -10.81 34.84
C HIS A 254 21.81 -10.66 34.34
N GLY A 255 22.47 -9.55 34.68
CA GLY A 255 23.86 -9.32 34.27
C GLY A 255 23.98 -9.14 32.77
N ILE A 256 22.98 -8.53 32.15
CA ILE A 256 22.98 -8.30 30.70
C ILE A 256 23.70 -6.97 30.43
N SER A 257 24.76 -7.03 29.64
CA SER A 257 25.56 -5.86 29.29
C SER A 257 25.60 -5.57 27.79
N ASP A 258 24.77 -6.26 27.00
CA ASP A 258 24.74 -6.05 25.54
C ASP A 258 24.42 -4.58 25.20
N GLU A 259 25.19 -3.98 24.30
CA GLU A 259 25.07 -2.56 23.99
C GLU A 259 23.65 -2.20 23.59
N ILE A 260 23.11 -1.15 24.20
CA ILE A 260 21.80 -0.61 23.84
C ILE A 260 22.00 0.37 22.69
N VAL A 261 21.41 0.06 21.53
CA VAL A 261 21.57 0.86 20.32
C VAL A 261 20.30 1.63 19.98
N GLU A 262 20.44 2.93 19.77
CA GLU A 262 19.29 3.79 19.54
C GLU A 262 18.83 3.72 18.09
N ILE A 263 17.52 3.68 17.86
CA ILE A 263 16.94 3.62 16.50
C ILE A 263 16.49 5.01 16.04
N ASP A 264 15.69 5.67 16.86
CA ASP A 264 15.17 7.00 16.54
C ASP A 264 15.02 7.76 17.87
N ARG A 265 14.00 8.59 18.02
CA ARG A 265 13.87 9.33 19.27
C ARG A 265 13.09 8.56 20.33
N GLN A 266 12.58 7.39 19.97
CA GLN A 266 11.81 6.56 20.90
C GLN A 266 12.45 5.21 21.19
N GLY A 267 12.76 4.48 20.13
CA GLY A 267 13.16 3.09 20.23
C GLY A 267 14.64 2.79 20.33
N VAL A 268 14.94 1.70 21.02
CA VAL A 268 16.28 1.12 21.07
C VAL A 268 16.22 -0.39 20.89
N TYR A 269 17.39 -1.01 20.68
CA TYR A 269 17.45 -2.45 20.68
C TYR A 269 18.81 -2.93 21.17
N TRP A 270 18.84 -4.19 21.59
CA TRP A 270 20.12 -4.88 21.72
C TRP A 270 20.08 -6.27 21.08
N ARG A 271 21.27 -6.81 20.83
CA ARG A 271 21.40 -8.14 20.29
C ARG A 271 21.97 -9.05 21.38
N ARG A 272 21.29 -10.15 21.65
CA ARG A 272 21.68 -11.03 22.75
C ARG A 272 22.96 -11.84 22.44
N SER A 273 23.99 -11.75 23.25
CA SER A 273 25.10 -12.71 23.12
C SER A 273 25.13 -13.73 24.25
N SER B 24 5.06 -18.02 -4.34
CA SER B 24 4.96 -16.52 -4.32
C SER B 24 6.35 -15.88 -4.24
N THR B 25 6.86 -15.44 -5.39
CA THR B 25 8.18 -14.85 -5.50
C THR B 25 8.09 -13.40 -5.06
N GLY B 26 9.24 -12.76 -4.90
CA GLY B 26 9.29 -11.33 -4.58
C GLY B 26 8.50 -10.50 -5.57
N VAL B 27 8.72 -10.77 -6.86
CA VAL B 27 8.05 -10.03 -7.91
C VAL B 27 6.53 -10.16 -7.79
N GLU B 28 6.04 -11.38 -7.60
CA GLU B 28 4.61 -11.63 -7.49
C GLU B 28 4.00 -10.91 -6.29
N LEU B 29 4.69 -10.97 -5.16
CA LEU B 29 4.21 -10.32 -3.93
C LEU B 29 4.15 -8.81 -4.10
N TYR B 30 5.19 -8.23 -4.68
CA TYR B 30 5.23 -6.78 -4.94
C TYR B 30 4.08 -6.33 -5.83
N LEU B 31 3.89 -7.00 -6.96
CA LEU B 31 2.86 -6.55 -7.90
C LEU B 31 1.45 -6.77 -7.32
N ASP B 32 1.26 -7.85 -6.58
CA ASP B 32 0.01 -8.06 -5.88
C ASP B 32 -0.29 -6.95 -4.86
N LEU B 33 0.71 -6.59 -4.05
CA LEU B 33 0.52 -5.54 -3.09
C LEU B 33 0.30 -4.20 -3.84
N LEU B 34 1.07 -3.94 -4.88
CA LEU B 34 0.92 -2.69 -5.63
C LEU B 34 -0.51 -2.51 -6.14
N LYS B 35 -1.13 -3.58 -6.63
CA LYS B 35 -2.52 -3.52 -7.08
C LYS B 35 -3.46 -3.23 -5.92
N ARG B 36 -3.25 -3.90 -4.79
CA ARG B 36 -4.07 -3.68 -3.61
C ARG B 36 -3.91 -2.26 -3.06
N THR B 37 -2.72 -1.68 -3.22
CA THR B 37 -2.44 -0.34 -2.73
C THR B 37 -3.00 0.77 -3.63
N VAL B 38 -2.75 0.71 -4.94
CA VAL B 38 -3.28 1.77 -5.83
C VAL B 38 -4.81 1.80 -5.88
N SER B 39 -5.43 0.64 -5.72
CA SER B 39 -6.90 0.56 -5.64
C SER B 39 -7.43 0.75 -4.19
N ASN B 40 -6.51 0.86 -3.24
CA ASN B 40 -6.79 1.02 -1.83
C ASN B 40 -7.75 -0.03 -1.22
N PHE B 41 -7.53 -1.29 -1.58
CA PHE B 41 -8.10 -2.41 -0.83
C PHE B 41 -7.54 -2.49 0.58
N ILE B 42 -6.41 -1.82 0.82
CA ILE B 42 -5.78 -1.87 2.13
C ILE B 42 -6.57 -1.09 3.18
N TYR B 43 -6.90 0.16 2.89
CA TYR B 43 -7.60 1.03 3.83
C TYR B 43 -9.07 1.30 3.48
N GLN B 44 -9.48 0.99 2.25
CA GLN B 44 -10.89 0.87 1.90
C GLN B 44 -11.67 2.18 2.08
N ASP B 45 -11.23 3.18 1.32
CA ASP B 45 -11.85 4.50 1.34
C ASP B 45 -13.25 4.49 0.75
N ALA B 46 -14.07 5.41 1.25
CA ALA B 46 -15.38 5.65 0.74
C ALA B 46 -15.38 6.05 -0.73
N THR B 47 -16.52 5.83 -1.36
CA THR B 47 -16.74 6.31 -2.71
C THR B 47 -17.51 7.64 -2.72
N HIS B 48 -17.26 8.45 -3.74
CA HIS B 48 -18.16 9.57 -4.02
C HIS B 48 -19.53 9.03 -4.41
N VAL B 49 -20.55 9.81 -4.06
CA VAL B 49 -21.92 9.51 -4.43
C VAL B 49 -22.20 10.25 -5.73
N ALA B 50 -22.40 9.50 -6.80
CA ALA B 50 -22.62 10.05 -8.15
C ALA B 50 -23.07 8.94 -9.06
N GLY B 51 -23.67 9.30 -10.19
CA GLY B 51 -24.20 8.30 -11.09
C GLY B 51 -25.13 7.35 -10.36
N LEU B 52 -24.92 6.05 -10.53
CA LEU B 52 -25.79 5.03 -9.94
C LEU B 52 -25.40 4.69 -8.49
N ILE B 53 -24.27 5.22 -8.04
CA ILE B 53 -23.81 5.00 -6.67
C ILE B 53 -24.52 6.01 -5.77
N THR B 54 -25.39 5.50 -4.89
CA THR B 54 -26.23 6.34 -4.05
C THR B 54 -25.77 6.43 -2.58
N GLN B 55 -24.76 5.64 -2.21
CA GLN B 55 -24.22 5.63 -0.85
C GLN B 55 -22.70 5.63 -0.85
N ALA B 56 -22.12 6.22 0.20
CA ALA B 56 -20.65 6.42 0.28
C ALA B 56 -19.85 5.19 0.65
N ALA B 57 -20.49 4.19 1.27
CA ALA B 57 -19.73 3.08 1.84
C ALA B 57 -18.84 2.35 0.84
N PHE B 58 -17.65 1.97 1.31
CA PHE B 58 -16.81 1.05 0.53
C PHE B 58 -17.53 -0.27 0.36
N VAL B 59 -17.63 -0.75 -0.88
CA VAL B 59 -18.24 -2.06 -1.19
C VAL B 59 -17.18 -2.86 -1.93
N GLU B 60 -16.81 -3.99 -1.37
CA GLU B 60 -15.73 -4.80 -1.90
C GLU B 60 -15.93 -5.17 -3.37
N GLU B 61 -17.13 -5.63 -3.70
CA GLU B 61 -17.45 -6.08 -5.05
C GLU B 61 -17.34 -4.93 -6.08
N ALA B 62 -17.70 -3.72 -5.68
CA ALA B 62 -17.56 -2.55 -6.56
C ALA B 62 -16.09 -2.16 -6.78
N ARG B 63 -15.27 -2.18 -5.73
CA ARG B 63 -13.84 -1.87 -5.95
C ARG B 63 -13.13 -2.97 -6.74
N GLU B 64 -13.54 -4.22 -6.54
CA GLU B 64 -12.98 -5.34 -7.27
C GLU B 64 -13.17 -5.20 -8.79
N SER B 65 -14.32 -4.67 -9.20
CA SER B 65 -14.64 -4.55 -10.62
C SER B 65 -14.55 -3.10 -11.12
N GLY B 66 -14.00 -2.21 -10.29
CA GLY B 66 -13.73 -0.82 -10.69
C GLY B 66 -14.99 0.00 -10.98
N GLU B 67 -16.03 -0.20 -10.18
CA GLU B 67 -17.33 0.38 -10.49
C GLU B 67 -17.70 1.58 -9.63
N ASP B 68 -16.82 1.95 -8.71
CA ASP B 68 -17.08 3.09 -7.82
C ASP B 68 -16.09 4.23 -8.11
N TYR B 69 -16.16 5.26 -7.28
CA TYR B 69 -15.49 6.54 -7.54
C TYR B 69 -14.72 6.89 -6.26
N PRO B 70 -13.53 6.30 -6.09
CA PRO B 70 -12.84 6.40 -4.81
C PRO B 70 -12.55 7.82 -4.38
N THR B 71 -12.79 8.10 -3.11
CA THR B 71 -12.48 9.42 -2.56
C THR B 71 -10.99 9.65 -2.39
N VAL B 72 -10.24 8.57 -2.18
CA VAL B 72 -8.80 8.67 -1.87
C VAL B 72 -7.90 7.81 -2.78
N ALA B 73 -8.38 6.65 -3.22
CA ALA B 73 -7.56 5.72 -4.00
C ALA B 73 -6.97 6.35 -5.26
N HIS B 74 -5.80 5.88 -5.66
CA HIS B 74 -5.09 6.45 -6.83
C HIS B 74 -5.59 5.97 -8.20
N THR B 75 -6.36 4.89 -8.24
CA THR B 75 -7.01 4.48 -9.48
C THR B 75 -8.45 4.08 -9.20
N MET B 76 -9.30 4.28 -10.21
CA MET B 76 -10.68 3.81 -10.16
C MET B 76 -10.94 2.60 -11.06
N ILE B 77 -9.93 2.03 -11.70
CA ILE B 77 -10.17 0.91 -12.66
C ILE B 77 -10.47 -0.42 -11.99
N GLY B 78 -10.13 -0.55 -10.71
CA GLY B 78 -10.37 -1.79 -9.98
C GLY B 78 -9.42 -2.95 -10.24
N MET B 79 -9.61 -4.02 -9.48
N MET B 79 -9.62 -4.02 -9.48
CA MET B 79 -8.68 -5.14 -9.51
CA MET B 79 -8.69 -5.16 -9.51
C MET B 79 -8.71 -5.95 -10.81
C MET B 79 -8.72 -5.93 -10.82
N LYS B 80 -9.89 -6.14 -11.40
CA LYS B 80 -9.96 -6.92 -12.66
C LYS B 80 -9.22 -6.23 -13.81
N ARG B 81 -9.39 -4.92 -13.92
CA ARG B 81 -8.68 -4.15 -14.94
C ARG B 81 -7.18 -3.93 -14.61
N LEU B 82 -6.80 -3.83 -13.34
CA LEU B 82 -5.39 -3.89 -12.95
C LEU B 82 -4.76 -5.24 -13.32
N ASN B 83 -5.47 -6.33 -13.06
CA ASN B 83 -4.99 -7.65 -13.48
C ASN B 83 -4.83 -7.72 -15.00
N ASN B 84 -5.78 -7.14 -15.75
CA ASN B 84 -5.66 -7.13 -17.20
C ASN B 84 -4.43 -6.36 -17.64
N LEU B 85 -4.18 -5.23 -16.99
CA LEU B 85 -3.03 -4.41 -17.35
C LEU B 85 -1.73 -5.20 -17.10
N GLN B 86 -1.65 -5.89 -15.96
CA GLN B 86 -0.52 -6.75 -15.66
C GLN B 86 -0.33 -7.83 -16.72
N HIS B 87 -1.41 -8.51 -17.11
CA HIS B 87 -1.34 -9.53 -18.15
C HIS B 87 -0.79 -8.96 -19.46
N CYS B 88 -1.28 -7.80 -19.87
CA CYS B 88 -0.88 -7.19 -21.12
C CYS B 88 0.60 -6.80 -21.10
N VAL B 89 1.06 -6.16 -20.05
CA VAL B 89 2.46 -5.76 -19.96
C VAL B 89 3.39 -6.97 -19.84
N GLU B 90 3.05 -7.93 -18.97
CA GLU B 90 3.85 -9.16 -18.86
C GLU B 90 3.94 -9.95 -20.17
N SER B 91 2.84 -10.03 -20.90
CA SER B 91 2.80 -10.77 -22.16
C SER B 91 3.69 -10.11 -23.20
N ALA B 92 3.66 -8.79 -23.24
CA ALA B 92 4.51 -8.05 -24.17
C ALA B 92 6.00 -8.25 -23.85
N LEU B 93 6.35 -8.21 -22.56
CA LEU B 93 7.70 -8.42 -22.12
C LEU B 93 8.13 -9.84 -22.46
N ARG B 94 7.30 -10.83 -22.14
CA ARG B 94 7.60 -12.26 -22.41
C ARG B 94 7.80 -12.52 -23.88
N ASP B 95 6.92 -11.99 -24.71
CA ASP B 95 6.93 -12.25 -26.15
C ASP B 95 7.87 -11.32 -26.93
N GLY B 96 8.57 -10.44 -26.24
CA GLY B 96 9.48 -9.47 -26.88
C GLY B 96 8.80 -8.48 -27.82
N VAL B 97 7.58 -8.06 -27.49
CA VAL B 97 6.88 -7.05 -28.27
C VAL B 97 7.51 -5.72 -27.97
N PRO B 98 8.01 -5.01 -28.99
CA PRO B 98 8.71 -3.76 -28.70
C PRO B 98 7.80 -2.60 -28.33
N GLY B 99 8.31 -1.69 -27.50
CA GLY B 99 7.64 -0.41 -27.28
C GLY B 99 7.30 -0.05 -25.86
N ASP B 100 6.76 1.16 -25.74
CA ASP B 100 6.45 1.77 -24.46
C ASP B 100 5.02 1.44 -24.00
N VAL B 101 4.65 1.93 -22.82
CA VAL B 101 3.28 1.84 -22.33
C VAL B 101 2.72 3.26 -22.31
N LEU B 102 1.57 3.46 -22.93
CA LEU B 102 0.83 4.72 -22.86
C LEU B 102 -0.56 4.53 -22.27
N GLU B 103 -0.89 5.36 -21.27
CA GLU B 103 -2.26 5.50 -20.78
C GLU B 103 -2.79 6.86 -21.12
N THR B 104 -3.96 6.87 -21.73
CA THR B 104 -4.61 8.12 -22.09
C THR B 104 -5.83 8.30 -21.18
N GLY B 105 -5.66 9.17 -20.18
CA GLY B 105 -6.69 9.42 -19.19
C GLY B 105 -6.24 8.71 -17.93
N VAL B 106 -5.60 9.44 -17.02
CA VAL B 106 -4.87 8.83 -15.92
C VAL B 106 -5.39 9.17 -14.52
N TRP B 107 -6.22 10.21 -14.41
CA TRP B 107 -6.76 10.65 -13.11
C TRP B 107 -5.62 10.87 -12.12
N ARG B 108 -5.64 10.18 -10.97
CA ARG B 108 -4.62 10.38 -9.94
C ARG B 108 -3.35 9.59 -10.22
N GLY B 109 -3.37 8.75 -11.26
CA GLY B 109 -2.17 8.09 -11.77
C GLY B 109 -1.93 6.65 -11.39
N GLY B 110 -2.88 6.06 -10.66
CA GLY B 110 -2.76 4.71 -10.11
C GLY B 110 -2.44 3.61 -11.11
N ALA B 111 -3.12 3.62 -12.26
CA ALA B 111 -2.88 2.58 -13.25
C ALA B 111 -1.46 2.75 -13.87
N CYS B 112 -1.03 4.00 -14.10
CA CYS B 112 0.32 4.26 -14.63
C CYS B 112 1.43 3.97 -13.61
N ILE B 113 1.15 4.26 -12.35
CA ILE B 113 2.03 3.89 -11.25
C ILE B 113 2.23 2.38 -11.27
N PHE B 114 1.14 1.63 -11.39
CA PHE B 114 1.22 0.18 -11.44
C PHE B 114 2.04 -0.27 -12.65
N ALA B 115 1.73 0.27 -13.83
CA ALA B 115 2.52 -0.02 -15.03
C ALA B 115 4.04 0.21 -14.84
N ARG B 116 4.44 1.34 -14.29
CA ARG B 116 5.84 1.60 -13.96
C ARG B 116 6.39 0.58 -12.97
N GLY B 117 5.57 0.18 -12.00
CA GLY B 117 5.94 -0.87 -11.04
C GLY B 117 6.22 -2.22 -11.69
N ILE B 118 5.41 -2.58 -12.69
CA ILE B 118 5.67 -3.81 -13.42
C ILE B 118 7.05 -3.75 -14.08
N LEU B 119 7.36 -2.68 -14.79
CA LEU B 119 8.67 -2.55 -15.41
C LEU B 119 9.79 -2.59 -14.39
N LYS B 120 9.56 -1.95 -13.25
CA LYS B 120 10.54 -1.95 -12.17
C LYS B 120 10.76 -3.37 -11.60
N ALA B 121 9.69 -4.11 -11.39
CA ALA B 121 9.77 -5.49 -10.87
C ALA B 121 10.62 -6.41 -11.76
N TYR B 122 10.56 -6.23 -13.08
CA TYR B 122 11.34 -7.05 -14.01
C TYR B 122 12.68 -6.39 -14.45
N ASP B 123 13.08 -5.32 -13.76
CA ASP B 123 14.29 -4.55 -14.05
C ASP B 123 14.40 -4.16 -15.53
N VAL B 124 13.30 -3.71 -16.08
CA VAL B 124 13.26 -3.22 -17.45
C VAL B 124 13.68 -1.75 -17.46
N ARG B 125 14.76 -1.45 -18.18
CA ARG B 125 15.36 -0.13 -18.21
C ARG B 125 15.17 0.60 -19.54
N ASP B 126 14.60 -0.07 -20.53
CA ASP B 126 14.56 0.47 -21.89
C ASP B 126 13.15 0.67 -22.41
N ARG B 127 12.19 0.75 -21.50
CA ARG B 127 10.81 1.12 -21.86
C ARG B 127 10.32 2.22 -20.92
N THR B 128 9.41 3.03 -21.43
CA THR B 128 8.89 4.20 -20.73
C THR B 128 7.38 4.07 -20.55
N VAL B 129 6.88 4.59 -19.44
CA VAL B 129 5.46 4.79 -19.20
C VAL B 129 5.08 6.24 -19.50
N TRP B 130 4.28 6.43 -20.54
CA TRP B 130 3.75 7.73 -20.92
C TRP B 130 2.39 7.96 -20.25
N VAL B 131 2.27 9.12 -19.60
CA VAL B 131 1.14 9.48 -18.77
C VAL B 131 0.46 10.70 -19.40
N ALA B 132 -0.64 10.46 -20.13
CA ALA B 132 -1.27 11.50 -20.93
C ALA B 132 -2.61 11.90 -20.34
N ASP B 133 -2.80 13.18 -20.12
CA ASP B 133 -4.04 13.70 -19.56
C ASP B 133 -4.08 15.20 -19.78
N SER B 134 -5.29 15.75 -19.77
CA SER B 134 -5.46 17.21 -19.68
C SER B 134 -4.96 17.73 -18.35
N PHE B 135 -5.01 16.88 -17.33
CA PHE B 135 -4.76 17.25 -15.93
C PHE B 135 -5.74 18.32 -15.45
N GLN B 136 -6.89 18.39 -16.10
CA GLN B 136 -7.99 19.33 -15.79
C GLN B 136 -9.39 18.70 -15.85
N GLY B 137 -9.48 17.37 -15.94
CA GLY B 137 -10.77 16.70 -16.10
C GLY B 137 -11.29 16.71 -17.53
N PHE B 138 -12.56 16.34 -17.68
CA PHE B 138 -13.20 16.28 -18.99
C PHE B 138 -13.30 17.68 -19.60
N PRO B 139 -13.21 17.78 -20.94
CA PRO B 139 -13.32 19.07 -21.61
C PRO B 139 -14.76 19.59 -21.69
N LYS B 140 -14.92 20.90 -21.78
CA LYS B 140 -16.22 21.50 -22.07
C LYS B 140 -16.64 21.10 -23.47
N ILE B 141 -17.93 20.83 -23.64
CA ILE B 141 -18.46 20.46 -24.94
C ILE B 141 -18.57 21.68 -25.88
N THR B 142 -18.22 21.50 -27.15
CA THR B 142 -18.45 22.53 -28.19
C THR B 142 -19.24 21.96 -29.37
N ASP B 143 -19.53 22.76 -30.41
CA ASP B 143 -20.24 22.23 -31.58
C ASP B 143 -19.39 21.26 -32.42
N ASP B 144 -18.10 21.17 -32.13
CA ASP B 144 -17.28 20.18 -32.80
C ASP B 144 -17.46 18.77 -32.23
N ASP B 145 -18.08 18.65 -31.05
CA ASP B 145 -18.18 17.35 -30.43
C ASP B 145 -19.19 16.44 -31.09
N HIS B 146 -18.90 15.15 -31.06
CA HIS B 146 -19.85 14.13 -31.51
C HIS B 146 -21.17 14.26 -30.72
N PRO B 147 -22.31 14.06 -31.38
CA PRO B 147 -23.58 14.24 -30.65
C PRO B 147 -23.75 13.39 -29.41
N MET B 148 -23.22 12.17 -29.41
CA MET B 148 -23.28 11.32 -28.21
C MET B 148 -22.45 11.88 -27.06
N ASP B 149 -21.30 12.46 -27.36
CA ASP B 149 -20.52 13.18 -26.35
C ASP B 149 -21.27 14.40 -25.81
N ALA B 150 -21.88 15.17 -26.71
CA ALA B 150 -22.64 16.34 -26.29
C ALA B 150 -23.78 15.96 -25.35
N GLU B 151 -24.50 14.91 -25.68
CA GLU B 151 -25.60 14.47 -24.83
C GLU B 151 -25.12 14.03 -23.43
N MET B 152 -24.01 13.29 -23.35
CA MET B 152 -23.47 12.87 -22.03
C MET B 152 -22.97 14.03 -21.21
N ASN B 153 -22.32 14.97 -21.88
CA ASN B 153 -21.68 16.11 -21.24
C ASN B 153 -20.90 15.74 -19.97
N LEU B 154 -19.86 14.93 -20.16
CA LEU B 154 -19.06 14.39 -19.05
C LEU B 154 -18.46 15.48 -18.17
N HIS B 155 -18.17 16.61 -18.77
CA HIS B 155 -17.70 17.79 -18.03
C HIS B 155 -18.53 18.08 -16.78
N GLN B 156 -19.84 17.81 -16.84
CA GLN B 156 -20.70 18.13 -15.70
C GLN B 156 -20.30 17.35 -14.43
N TYR B 157 -19.57 16.25 -14.59
CA TYR B 157 -19.24 15.37 -13.47
C TYR B 157 -17.87 15.65 -12.84
N ASN B 158 -17.12 16.60 -13.40
CA ASN B 158 -15.74 16.81 -12.94
C ASN B 158 -15.61 16.94 -11.43
N ALA B 159 -16.37 17.85 -10.81
CA ALA B 159 -16.22 18.06 -9.38
C ALA B 159 -16.77 16.88 -8.56
N ALA B 160 -17.87 16.29 -9.04
CA ALA B 160 -18.59 15.24 -8.32
C ALA B 160 -17.74 14.01 -8.03
N VAL B 161 -16.81 13.69 -8.92
CA VAL B 161 -15.91 12.55 -8.72
C VAL B 161 -14.46 12.97 -8.55
N ASP B 162 -14.25 14.27 -8.26
CA ASP B 162 -12.92 14.83 -8.06
C ASP B 162 -11.96 14.50 -9.20
N LEU B 163 -12.40 14.73 -10.44
CA LEU B 163 -11.64 14.28 -11.60
C LEU B 163 -10.42 15.14 -11.94
N PRO B 164 -10.54 16.48 -11.92
CA PRO B 164 -9.37 17.31 -12.23
C PRO B 164 -8.26 17.10 -11.21
N THR B 165 -7.11 16.62 -11.71
CA THR B 165 -5.97 16.28 -10.90
C THR B 165 -4.73 16.82 -11.60
N SER B 166 -4.01 17.72 -10.95
CA SER B 166 -2.91 18.41 -11.60
C SER B 166 -1.74 17.48 -11.87
N LEU B 167 -0.90 17.88 -12.82
CA LEU B 167 0.34 17.17 -13.08
C LEU B 167 1.20 17.04 -11.81
N ALA B 168 1.30 18.13 -11.06
CA ALA B 168 2.13 18.12 -9.86
C ALA B 168 1.60 17.10 -8.86
N THR B 169 0.28 16.98 -8.76
CA THR B 169 -0.32 15.99 -7.87
C THR B 169 -0.02 14.57 -8.34
N VAL B 170 -0.16 14.32 -9.64
CA VAL B 170 0.18 13.00 -10.18
C VAL B 170 1.65 12.66 -9.96
N GLN B 171 2.55 13.61 -10.18
CA GLN B 171 3.96 13.38 -9.94
C GLN B 171 4.20 13.06 -8.46
N ARG B 172 3.58 13.83 -7.58
CA ARG B 172 3.66 13.59 -6.13
C ARG B 172 3.22 12.14 -5.82
N ASN B 173 2.14 11.69 -6.44
CA ASN B 173 1.65 10.34 -6.20
C ASN B 173 2.67 9.29 -6.64
N PHE B 174 3.26 9.44 -7.81
CA PHE B 174 4.33 8.53 -8.23
C PHE B 174 5.44 8.48 -7.18
N SER B 175 5.82 9.66 -6.67
CA SER B 175 6.92 9.77 -5.72
C SER B 175 6.67 8.96 -4.47
N ARG B 176 5.42 8.91 -4.05
CA ARG B 176 5.07 8.21 -2.82
C ARG B 176 5.32 6.70 -2.85
N TYR B 177 5.32 6.12 -4.05
CA TYR B 177 5.63 4.71 -4.27
C TYR B 177 7.09 4.47 -4.63
N GLY B 178 7.87 5.54 -4.75
CA GLY B 178 9.26 5.46 -5.19
C GLY B 178 9.42 5.16 -6.67
N LEU B 179 8.44 5.58 -7.46
CA LEU B 179 8.37 5.20 -8.87
C LEU B 179 8.43 6.41 -9.79
N LEU B 180 8.73 7.60 -9.26
CA LEU B 180 8.95 8.77 -10.12
C LEU B 180 10.43 8.83 -10.56
N ASP B 181 10.68 8.48 -11.81
CA ASP B 181 12.03 8.52 -12.39
C ASP B 181 11.96 8.81 -13.89
N ASP B 182 13.08 8.72 -14.58
CA ASP B 182 13.13 9.11 -16.00
C ASP B 182 12.41 8.15 -16.96
N GLN B 183 11.96 7.00 -16.49
CA GLN B 183 11.12 6.12 -17.29
C GLN B 183 9.61 6.40 -17.14
N VAL B 184 9.28 7.53 -16.50
CA VAL B 184 7.91 8.05 -16.49
C VAL B 184 7.95 9.42 -17.18
N ARG B 185 7.21 9.53 -18.27
CA ARG B 185 7.16 10.78 -19.01
C ARG B 185 5.70 11.24 -19.12
N PHE B 186 5.49 12.55 -19.03
CA PHE B 186 4.14 13.10 -18.95
C PHE B 186 3.80 13.85 -20.23
N LEU B 187 2.56 13.71 -20.66
CA LEU B 187 2.04 14.38 -21.86
C LEU B 187 0.83 15.23 -21.48
N PRO B 188 1.06 16.45 -20.96
CA PRO B 188 -0.07 17.25 -20.49
C PRO B 188 -0.78 17.98 -21.64
N GLY B 189 -2.10 17.83 -21.71
CA GLY B 189 -2.88 18.56 -22.69
C GLY B 189 -4.05 17.74 -23.18
N TRP B 190 -4.85 18.32 -24.07
CA TRP B 190 -5.95 17.57 -24.69
C TRP B 190 -5.39 16.59 -25.71
N PHE B 191 -5.96 15.39 -25.79
CA PHE B 191 -5.40 14.36 -26.68
C PHE B 191 -5.30 14.79 -28.15
N LYS B 192 -6.24 15.60 -28.60
CA LYS B 192 -6.22 16.01 -30.00
C LYS B 192 -4.98 16.86 -30.29
N ASP B 193 -4.45 17.49 -29.24
CA ASP B 193 -3.26 18.33 -29.34
C ASP B 193 -1.97 17.55 -29.05
N THR B 194 -1.99 16.65 -28.09
CA THR B 194 -0.74 16.00 -27.65
C THR B 194 -0.37 14.74 -28.41
N MET B 195 -1.38 14.01 -28.89
CA MET B 195 -1.13 12.72 -29.48
C MET B 195 -0.41 12.74 -30.85
N PRO B 196 -0.80 13.65 -31.76
CA PRO B 196 -0.19 13.56 -33.10
C PRO B 196 1.33 13.66 -33.12
N THR B 197 1.91 14.48 -32.25
CA THR B 197 3.35 14.64 -32.19
C THR B 197 4.00 14.14 -30.89
N ALA B 198 3.30 13.30 -30.12
CA ALA B 198 3.91 12.74 -28.93
C ALA B 198 5.22 12.03 -29.30
N PRO B 199 6.27 12.20 -28.48
CA PRO B 199 7.57 11.72 -28.89
C PRO B 199 7.89 10.29 -28.48
N PHE B 200 6.97 9.37 -28.68
CA PHE B 200 7.28 7.95 -28.64
C PHE B 200 7.23 7.39 -30.04
N GLU B 201 7.99 6.34 -30.29
CA GLU B 201 8.07 5.73 -31.61
C GLU B 201 7.22 4.49 -31.73
N ARG B 202 7.18 3.70 -30.67
CA ARG B 202 6.42 2.45 -30.67
C ARG B 202 5.80 2.22 -29.32
N LEU B 203 4.65 1.56 -29.33
CA LEU B 203 3.98 1.14 -28.11
C LEU B 203 3.80 -0.36 -28.09
N ALA B 204 3.97 -0.94 -26.91
CA ALA B 204 3.59 -2.33 -26.62
C ALA B 204 2.20 -2.45 -25.98
N VAL B 205 1.81 -1.45 -25.20
CA VAL B 205 0.48 -1.40 -24.59
C VAL B 205 -0.08 0.02 -24.69
N LEU B 206 -1.28 0.13 -25.26
CA LEU B 206 -2.01 1.38 -25.39
C LEU B 206 -3.28 1.26 -24.59
N ARG B 207 -3.36 1.96 -23.46
CA ARG B 207 -4.50 1.88 -22.56
C ARG B 207 -5.32 3.17 -22.66
N MET B 208 -6.53 3.04 -23.18
CA MET B 208 -7.41 4.17 -23.46
C MET B 208 -8.48 4.27 -22.38
N ASP B 209 -8.52 5.40 -21.68
CA ASP B 209 -9.45 5.60 -20.57
C ASP B 209 -10.01 7.03 -20.51
N GLY B 210 -10.49 7.53 -21.64
CA GLY B 210 -11.00 8.88 -21.73
C GLY B 210 -12.52 8.99 -21.91
N ASP B 211 -13.23 7.84 -21.95
CA ASP B 211 -14.70 7.76 -21.86
C ASP B 211 -15.49 8.15 -23.12
N SER B 212 -15.07 9.20 -23.79
CA SER B 212 -15.89 9.80 -24.85
C SER B 212 -15.56 9.26 -26.23
N TYR B 213 -16.44 9.53 -27.17
CA TYR B 213 -16.13 9.22 -28.56
C TYR B 213 -14.87 9.98 -28.95
N GLY B 214 -14.86 11.27 -28.65
CA GLY B 214 -13.78 12.16 -29.03
C GLY B 214 -12.41 11.73 -28.53
N ALA B 215 -12.31 11.45 -27.23
CA ALA B 215 -11.04 11.03 -26.65
C ALA B 215 -10.58 9.68 -27.22
N THR B 216 -11.52 8.77 -27.44
CA THR B 216 -11.21 7.47 -27.99
C THR B 216 -10.74 7.58 -29.45
N MET B 217 -11.48 8.34 -30.24
CA MET B 217 -11.14 8.52 -31.64
C MET B 217 -9.83 9.29 -31.76
N ASP B 218 -9.60 10.31 -30.91
CA ASP B 218 -8.30 11.03 -30.93
C ASP B 218 -7.12 10.07 -30.77
N VAL B 219 -7.21 9.19 -29.78
CA VAL B 219 -6.10 8.35 -29.45
C VAL B 219 -5.95 7.20 -30.42
N LEU B 220 -7.04 6.57 -30.84
CA LEU B 220 -6.94 5.54 -31.88
C LEU B 220 -6.35 6.14 -33.14
N THR B 221 -6.81 7.32 -33.51
CA THR B 221 -6.33 7.93 -34.77
C THR B 221 -4.84 8.19 -34.71
N HIS B 222 -4.39 8.78 -33.59
CA HIS B 222 -3.05 9.31 -33.55
C HIS B 222 -2.02 8.48 -32.83
N ALA B 223 -2.45 7.52 -32.00
CA ALA B 223 -1.51 6.68 -31.26
C ALA B 223 -1.51 5.22 -31.71
N TYR B 224 -2.67 4.68 -32.10
CA TYR B 224 -2.77 3.27 -32.42
C TYR B 224 -1.84 2.85 -33.56
N PRO B 225 -1.60 3.71 -34.58
CA PRO B 225 -0.67 3.25 -35.61
C PRO B 225 0.72 2.88 -35.09
N ARG B 226 1.10 3.41 -33.93
CA ARG B 226 2.40 3.11 -33.34
C ARG B 226 2.43 1.89 -32.40
N LEU B 227 1.29 1.25 -32.23
CA LEU B 227 1.19 -0.01 -31.48
C LEU B 227 1.81 -1.15 -32.29
N SER B 228 2.80 -1.78 -31.70
CA SER B 228 3.50 -2.91 -32.35
C SER B 228 2.57 -4.10 -32.61
N PRO B 229 2.86 -4.88 -33.68
CA PRO B 229 2.14 -6.13 -33.78
C PRO B 229 2.43 -6.97 -32.55
N GLY B 230 1.43 -7.64 -32.03
CA GLY B 230 1.56 -8.37 -30.77
C GLY B 230 1.27 -7.53 -29.53
N GLY B 231 1.14 -6.22 -29.72
CA GLY B 231 0.82 -5.28 -28.65
C GLY B 231 -0.66 -5.28 -28.31
N PHE B 232 -1.02 -4.63 -27.21
CA PHE B 232 -2.38 -4.69 -26.66
C PHE B 232 -3.06 -3.32 -26.68
N ALA B 233 -4.30 -3.29 -27.15
CA ALA B 233 -5.15 -2.09 -27.14
C ALA B 233 -6.27 -2.32 -26.13
N ILE B 234 -6.24 -1.55 -25.02
CA ILE B 234 -7.19 -1.70 -23.95
C ILE B 234 -8.18 -0.52 -23.99
N ILE B 235 -9.46 -0.84 -24.06
CA ILE B 235 -10.53 0.16 -24.02
C ILE B 235 -11.26 0.07 -22.69
N ASP B 236 -10.94 0.97 -21.78
CA ASP B 236 -11.50 0.95 -20.44
C ASP B 236 -13.02 1.12 -20.40
N ASP B 237 -13.55 1.97 -21.28
CA ASP B 237 -14.92 2.49 -21.18
C ASP B 237 -15.82 1.95 -22.29
N TYR B 238 -15.57 0.72 -22.75
CA TYR B 238 -16.33 0.13 -23.85
C TYR B 238 -17.83 0.03 -23.56
N CYS B 239 -18.20 -0.03 -22.27
CA CYS B 239 -19.60 -0.03 -21.87
C CYS B 239 -20.35 1.28 -22.17
N ILE B 240 -19.62 2.38 -22.43
CA ILE B 240 -20.21 3.66 -22.75
C ILE B 240 -20.49 3.70 -24.26
N PRO B 241 -21.74 3.97 -24.66
CA PRO B 241 -22.04 3.89 -26.10
C PRO B 241 -21.17 4.76 -26.99
N ALA B 242 -20.87 5.97 -26.56
CA ALA B 242 -20.04 6.87 -27.40
C ALA B 242 -18.64 6.30 -27.65
N CYS B 243 -18.01 5.76 -26.61
CA CYS B 243 -16.72 5.09 -26.71
C CYS B 243 -16.79 3.89 -27.66
N ARG B 244 -17.77 3.02 -27.44
CA ARG B 244 -17.96 1.87 -28.30
C ARG B 244 -18.13 2.26 -29.78
N GLU B 245 -18.88 3.34 -30.04
CA GLU B 245 -19.07 3.84 -31.42
C GLU B 245 -17.74 4.20 -32.09
N ALA B 246 -16.86 4.88 -31.36
CA ALA B 246 -15.54 5.22 -31.89
C ALA B 246 -14.73 3.97 -32.17
N VAL B 247 -14.74 3.02 -31.25
CA VAL B 247 -13.99 1.79 -31.44
C VAL B 247 -14.46 1.11 -32.75
N HIS B 248 -15.76 0.97 -32.93
CA HIS B 248 -16.26 0.28 -34.14
C HIS B 248 -16.02 1.07 -35.42
N GLU B 249 -16.21 2.38 -35.37
CA GLU B 249 -15.89 3.21 -36.53
C GLU B 249 -14.41 3.07 -36.93
N TYR B 250 -13.52 3.13 -35.94
CA TYR B 250 -12.10 3.01 -36.20
C TYR B 250 -11.72 1.63 -36.75
N ARG B 251 -12.24 0.57 -36.15
CA ARG B 251 -11.93 -0.79 -36.62
C ARG B 251 -12.43 -1.01 -38.05
N ASP B 252 -13.61 -0.52 -38.37
CA ASP B 252 -14.19 -0.70 -39.70
C ASP B 252 -13.32 0.03 -40.71
N ARG B 253 -12.96 1.25 -40.39
CA ARG B 253 -12.15 2.05 -41.29
C ARG B 253 -10.83 1.36 -41.63
N HIS B 254 -10.17 0.77 -40.63
CA HIS B 254 -8.85 0.17 -40.83
C HIS B 254 -8.87 -1.34 -41.11
N GLY B 255 -10.07 -1.91 -41.21
CA GLY B 255 -10.19 -3.34 -41.47
C GLY B 255 -9.63 -4.19 -40.33
N ILE B 256 -9.74 -3.69 -39.10
CA ILE B 256 -9.25 -4.43 -37.93
C ILE B 256 -10.29 -5.43 -37.46
N SER B 257 -9.91 -6.70 -37.40
CA SER B 257 -10.85 -7.77 -37.01
C SER B 257 -10.41 -8.57 -35.76
N ASP B 258 -9.39 -8.08 -35.05
CA ASP B 258 -8.85 -8.81 -33.88
C ASP B 258 -9.91 -8.91 -32.79
N GLU B 259 -10.07 -10.13 -32.25
CA GLU B 259 -11.12 -10.44 -31.27
C GLU B 259 -11.17 -9.42 -30.14
N ILE B 260 -12.35 -8.87 -29.89
CA ILE B 260 -12.56 -8.00 -28.72
C ILE B 260 -12.89 -8.88 -27.53
N VAL B 261 -12.03 -8.84 -26.50
CA VAL B 261 -12.11 -9.72 -25.35
C VAL B 261 -12.53 -8.91 -24.13
N GLU B 262 -13.59 -9.35 -23.46
CA GLU B 262 -14.15 -8.61 -22.34
C GLU B 262 -13.38 -8.90 -21.05
N ILE B 263 -13.14 -7.85 -20.26
CA ILE B 263 -12.42 -7.94 -18.99
C ILE B 263 -13.40 -8.02 -17.79
N ASP B 264 -14.32 -7.08 -17.71
CA ASP B 264 -15.26 -6.98 -16.59
C ASP B 264 -16.54 -6.35 -17.13
N ARG B 265 -17.26 -5.55 -16.35
CA ARG B 265 -18.49 -4.97 -16.86
C ARG B 265 -18.27 -3.69 -17.65
N GLN B 266 -17.03 -3.21 -17.68
CA GLN B 266 -16.70 -1.94 -18.36
C GLN B 266 -15.74 -2.12 -19.53
N GLY B 267 -14.61 -2.79 -19.28
CA GLY B 267 -13.50 -2.77 -20.22
C GLY B 267 -13.37 -3.99 -21.10
N VAL B 268 -12.75 -3.76 -22.26
CA VAL B 268 -12.36 -4.80 -23.19
C VAL B 268 -10.94 -4.55 -23.69
N TYR B 269 -10.38 -5.55 -24.37
CA TYR B 269 -9.15 -5.32 -25.09
C TYR B 269 -9.04 -6.16 -26.33
N TRP B 270 -8.10 -5.80 -27.19
CA TRP B 270 -7.67 -6.75 -28.23
C TRP B 270 -6.16 -6.75 -28.38
N ARG B 271 -5.65 -7.81 -28.99
CA ARG B 271 -4.25 -7.91 -29.30
C ARG B 271 -4.06 -7.69 -30.80
N ARG B 272 -3.18 -6.77 -31.14
CA ARG B 272 -2.97 -6.40 -32.52
C ARG B 272 -2.25 -7.52 -33.30
N SER B 273 -2.87 -8.00 -34.38
CA SER B 273 -2.21 -8.96 -35.28
C SER B 273 -0.99 -8.30 -35.92
#